data_1W78
#
_entry.id   1W78
#
_cell.length_a   64.368
_cell.length_b   80.620
_cell.length_c   92.829
_cell.angle_alpha   90.00
_cell.angle_beta   90.00
_cell.angle_gamma   90.00
#
_symmetry.space_group_name_H-M   'P 21 21 21'
#
loop_
_entity.id
_entity.type
_entity.pdbx_description
1 polymer 'FOLC BIFUNCTIONAL PROTEIN'
2 non-polymer 'PHOSPHORYLATED DIHYDROPTEROATE'
3 non-polymer 'MAGNESIUM ION'
4 non-polymer 'SULFATE ION'
5 non-polymer "ADENOSINE-5'-DIPHOSPHATE"
6 water water
#
_entity_poly.entity_id   1
_entity_poly.type   'polypeptide(L)'
_entity_poly.pdbx_seq_one_letter_code
;MIIKRTPQAASPLASWLSYLENLHSKTIDLGLERVSLVAARLGVLKPAPFVFTVAGTNGKGTTCRTLESILMAAGYKVGV
YSSPHLVRYTERVRVQGQELPESAHTASFAEIESARGDISLTYFEYGTLSALWLFKQAQLDVVILEVGLGGRLDATNIVD
ADVAVVTSIALDHTDWLGPDRESIGRE(KCX)AGIFRSEKPAIVGEPEMPSTIADVAQEKGALLQRRGVEWNYSVTDHDW
AFSDAHGTLENLPLPLVPQPNAATALAALRASGLEVSENAIRDGIASAILPGRFQIVSESPRVIFDVAHNPHAAEYLTGR
MKALPKNGRVLAVIGMLHDKDIAGTLAWLKSVVDDWYCAPLEGPRGATAEQLLEHLGNGKSFDSVAQAWDAAMADAKAED
TVLVCGSFHTVAHVMEVIDARRSGGK
;
_entity_poly.pdbx_strand_id   A
#
loop_
_chem_comp.id
_chem_comp.type
_chem_comp.name
_chem_comp.formula
ADP non-polymer ADENOSINE-5'-DIPHOSPHATE 'C10 H15 N5 O10 P2'
MG non-polymer 'MAGNESIUM ION' 'Mg 2'
PD8 non-polymer 'PHOSPHORYLATED DIHYDROPTEROATE' 'C14 H13 N6 O6 P'
SO4 non-polymer 'SULFATE ION' 'O4 S -2'
#
# COMPACT_ATOMS: atom_id res chain seq x y z
N THR A 6 7.41 22.67 20.45
CA THR A 6 6.11 22.15 20.05
C THR A 6 5.49 23.04 18.96
N PRO A 7 5.24 22.43 17.81
CA PRO A 7 4.66 23.16 16.70
C PRO A 7 3.20 23.56 16.98
N GLN A 8 2.69 24.46 16.14
CA GLN A 8 1.33 24.94 16.25
C GLN A 8 0.67 24.85 14.89
N ALA A 9 -0.61 25.22 14.84
CA ALA A 9 -1.37 25.18 13.60
C ALA A 9 -0.67 25.98 12.52
N ALA A 10 0.01 27.06 12.89
CA ALA A 10 0.66 27.90 11.89
C ALA A 10 2.02 27.40 11.40
N SER A 11 2.61 26.43 12.11
CA SER A 11 3.94 25.90 11.75
C SER A 11 3.94 25.20 10.38
N PRO A 12 5.09 25.21 9.69
CA PRO A 12 5.15 24.48 8.42
C PRO A 12 4.96 22.97 8.66
N LEU A 13 4.38 22.30 7.67
CA LEU A 13 4.17 20.86 7.77
C LEU A 13 5.48 20.13 8.12
N ALA A 14 6.58 20.59 7.51
CA ALA A 14 7.90 19.98 7.73
C ALA A 14 8.27 19.96 9.21
N SER A 15 7.96 21.04 9.91
CA SER A 15 8.25 21.13 11.35
C SER A 15 7.38 20.11 12.10
N TRP A 16 6.14 19.98 11.68
CA TRP A 16 5.25 19.03 12.33
C TRP A 16 5.77 17.60 12.17
N LEU A 17 6.17 17.25 10.94
CA LEU A 17 6.66 15.92 10.65
C LEU A 17 7.92 15.59 11.45
N SER A 18 8.80 16.57 11.59
CA SER A 18 10.02 16.36 12.34
C SER A 18 9.68 16.13 13.82
N TYR A 19 8.66 16.84 14.30
CA TYR A 19 8.17 16.73 15.68
C TYR A 19 7.53 15.35 15.96
N LEU A 20 6.72 14.89 15.01
CA LEU A 20 6.05 13.59 15.09
C LEU A 20 7.08 12.48 15.06
N GLU A 21 8.12 12.69 14.28
CA GLU A 21 9.13 11.68 14.15
C GLU A 21 9.88 11.43 15.46
N ASN A 22 9.74 12.35 16.41
CA ASN A 22 10.46 12.24 17.68
C ASN A 22 9.63 12.25 18.97
N LEU A 23 8.34 12.50 18.85
CA LEU A 23 7.44 12.59 20.00
C LEU A 23 7.48 11.39 20.97
N HIS A 24 7.19 10.20 20.45
CA HIS A 24 7.13 8.97 21.26
C HIS A 24 8.50 8.36 21.59
N SER A 25 8.55 7.60 22.67
CA SER A 25 9.78 6.92 23.11
C SER A 25 10.26 5.86 22.08
N LYS A 26 9.29 5.20 21.42
CA LYS A 26 9.58 4.17 20.40
C LYS A 26 9.04 4.64 19.03
N THR A 27 9.75 4.33 17.95
CA THR A 27 9.30 4.74 16.60
C THR A 27 7.92 4.11 16.30
N ILE A 28 7.87 2.77 16.43
CA ILE A 28 6.65 2.00 16.26
C ILE A 28 6.31 1.40 17.63
N ASP A 29 5.06 1.59 18.08
CA ASP A 29 4.59 1.05 19.38
C ASP A 29 3.14 0.54 19.14
N LEU A 30 3.02 -0.70 18.67
CA LEU A 30 1.68 -1.24 18.35
C LEU A 30 0.85 -1.33 19.62
N GLY A 31 -0.44 -1.02 19.49
CA GLY A 31 -1.34 -1.06 20.63
C GLY A 31 -2.39 -0.03 20.33
N LEU A 32 -3.60 -0.25 20.85
CA LEU A 32 -4.74 0.62 20.57
C LEU A 32 -5.15 1.60 21.65
N GLU A 33 -4.79 1.31 22.89
CA GLU A 33 -5.25 2.18 23.98
C GLU A 33 -5.06 3.70 23.87
N ARG A 34 -3.81 4.15 23.94
CA ARG A 34 -3.49 5.59 23.91
C ARG A 34 -4.18 6.24 22.72
N VAL A 35 -3.95 5.69 21.54
CA VAL A 35 -4.54 6.26 20.34
C VAL A 35 -6.08 6.28 20.35
N SER A 36 -6.70 5.23 20.91
CA SER A 36 -8.17 5.20 21.01
C SER A 36 -8.68 6.30 21.90
N LEU A 37 -7.99 6.51 23.03
CA LEU A 37 -8.42 7.53 23.98
C LEU A 37 -8.42 8.92 23.39
N VAL A 38 -7.41 9.23 22.59
CA VAL A 38 -7.34 10.54 21.95
C VAL A 38 -8.39 10.65 20.83
N ALA A 39 -8.58 9.55 20.09
CA ALA A 39 -9.61 9.49 19.03
C ALA A 39 -10.97 9.72 19.67
N ALA A 40 -11.18 9.16 20.86
CA ALA A 40 -12.45 9.32 21.60
C ALA A 40 -12.68 10.80 21.96
N ARG A 41 -11.64 11.48 22.43
CA ARG A 41 -11.77 12.90 22.73
C ARG A 41 -12.09 13.72 21.47
N LEU A 42 -11.43 13.37 20.37
CA LEU A 42 -11.58 14.08 19.09
C LEU A 42 -12.89 13.76 18.36
N GLY A 43 -13.53 12.66 18.75
CA GLY A 43 -14.79 12.24 18.13
C GLY A 43 -14.56 11.77 16.69
N VAL A 44 -13.43 11.12 16.45
CA VAL A 44 -13.08 10.66 15.09
C VAL A 44 -13.10 9.14 14.89
N LEU A 45 -13.67 8.41 15.85
CA LEU A 45 -13.71 6.95 15.75
C LEU A 45 -14.57 6.38 14.63
N LYS A 46 -15.53 7.15 14.16
CA LYS A 46 -16.37 6.72 13.04
C LYS A 46 -16.21 7.81 11.98
N PRO A 47 -15.15 7.76 11.19
CA PRO A 47 -14.87 8.84 10.24
C PRO A 47 -15.83 9.10 9.08
N ALA A 48 -16.68 8.13 8.79
CA ALA A 48 -17.66 8.26 7.71
C ALA A 48 -18.73 7.23 8.02
N PRO A 49 -19.91 7.35 7.40
CA PRO A 49 -20.99 6.38 7.66
C PRO A 49 -20.64 4.97 7.15
N PHE A 50 -19.66 4.87 6.25
CA PHE A 50 -19.22 3.59 5.73
C PHE A 50 -17.72 3.58 5.65
N VAL A 51 -17.11 2.54 6.24
CA VAL A 51 -15.68 2.44 6.25
C VAL A 51 -15.19 1.09 5.76
N PHE A 52 -14.20 1.11 4.87
CA PHE A 52 -13.52 -0.10 4.42
C PHE A 52 -12.14 -0.03 5.08
N THR A 53 -11.71 -1.13 5.70
CA THR A 53 -10.38 -1.19 6.32
C THR A 53 -9.65 -2.31 5.59
N VAL A 54 -8.47 -1.99 5.07
CA VAL A 54 -7.72 -2.90 4.23
C VAL A 54 -6.38 -3.30 4.79
N ALA A 55 -6.27 -4.58 5.12
CA ALA A 55 -5.06 -5.19 5.70
C ALA A 55 -4.44 -6.14 4.69
N GLY A 56 -3.22 -6.59 4.96
CA GLY A 56 -2.56 -7.57 4.08
C GLY A 56 -1.07 -7.37 3.99
N THR A 57 -0.34 -8.41 3.58
CA THR A 57 1.11 -8.27 3.43
C THR A 57 1.44 -7.32 2.26
N ASN A 58 0.87 -7.61 1.09
CA ASN A 58 1.07 -6.78 -0.09
C ASN A 58 -0.28 -6.57 -0.76
N GLY A 59 -0.43 -5.46 -1.48
CA GLY A 59 -1.65 -5.18 -2.21
C GLY A 59 -2.62 -4.21 -1.54
N LYS A 60 -2.27 -3.68 -0.36
CA LYS A 60 -3.18 -2.77 0.34
C LYS A 60 -3.42 -1.48 -0.43
N GLY A 61 -2.33 -0.81 -0.79
CA GLY A 61 -2.40 0.49 -1.50
C GLY A 61 -3.26 0.43 -2.76
N THR A 62 -3.02 -0.58 -3.59
CA THR A 62 -3.76 -0.72 -4.86
C THR A 62 -5.19 -1.22 -4.66
N THR A 63 -5.43 -2.05 -3.66
CA THR A 63 -6.81 -2.46 -3.38
C THR A 63 -7.58 -1.19 -2.95
N CYS A 64 -6.97 -0.35 -2.10
CA CYS A 64 -7.63 0.89 -1.67
C CYS A 64 -7.88 1.82 -2.87
N ARG A 65 -6.89 1.94 -3.75
CA ARG A 65 -7.02 2.79 -4.92
C ARG A 65 -8.18 2.33 -5.80
N THR A 66 -8.34 1.03 -5.93
CA THR A 66 -9.41 0.46 -6.73
C THR A 66 -10.77 0.78 -6.11
N LEU A 67 -10.87 0.63 -4.81
CA LEU A 67 -12.11 0.95 -4.12
C LEU A 67 -12.41 2.44 -4.30
N GLU A 68 -11.40 3.29 -4.14
CA GLU A 68 -11.57 4.73 -4.29
C GLU A 68 -12.07 5.08 -5.68
N SER A 69 -11.44 4.49 -6.69
CA SER A 69 -11.77 4.75 -8.08
C SER A 69 -13.21 4.38 -8.40
N ILE A 70 -13.64 3.19 -8.01
CA ILE A 70 -15.00 2.75 -8.28
C ILE A 70 -16.00 3.60 -7.51
N LEU A 71 -15.75 3.83 -6.22
CA LEU A 71 -16.70 4.62 -5.42
C LEU A 71 -16.87 6.07 -5.89
N MET A 72 -15.77 6.68 -6.38
CA MET A 72 -15.84 8.03 -6.91
C MET A 72 -16.66 8.03 -8.20
N ALA A 73 -16.45 7.03 -9.04
CA ALA A 73 -17.23 6.89 -10.28
C ALA A 73 -18.70 6.75 -9.90
N ALA A 74 -18.98 6.09 -8.77
CA ALA A 74 -20.33 5.89 -8.31
C ALA A 74 -20.91 7.12 -7.62
N GLY A 75 -20.14 8.20 -7.58
CA GLY A 75 -20.61 9.46 -7.00
C GLY A 75 -20.54 9.62 -5.49
N TYR A 76 -19.88 8.69 -4.80
CA TYR A 76 -19.70 8.80 -3.34
C TYR A 76 -18.57 9.79 -3.06
N LYS A 77 -18.62 10.48 -1.93
CA LYS A 77 -17.54 11.39 -1.51
C LYS A 77 -16.67 10.41 -0.70
N VAL A 78 -15.46 10.18 -1.19
CA VAL A 78 -14.57 9.18 -0.61
C VAL A 78 -13.26 9.72 -0.09
N GLY A 79 -12.81 9.20 1.05
CA GLY A 79 -11.51 9.58 1.61
C GLY A 79 -10.66 8.31 1.66
N VAL A 80 -9.36 8.46 1.40
CA VAL A 80 -8.45 7.32 1.46
C VAL A 80 -7.20 7.62 2.31
N TYR A 81 -6.95 6.75 3.28
CA TYR A 81 -5.74 6.86 4.12
C TYR A 81 -4.76 5.78 3.60
N SER A 82 -3.56 6.18 3.21
CA SER A 82 -2.59 5.23 2.66
C SER A 82 -1.23 5.44 3.29
N SER A 83 -0.38 4.42 3.21
CA SER A 83 0.97 4.49 3.77
C SER A 83 1.82 3.39 3.13
N PRO A 84 3.13 3.62 3.01
CA PRO A 84 3.81 4.88 3.35
C PRO A 84 3.60 5.81 2.15
N HIS A 85 4.39 6.87 2.04
CA HIS A 85 4.27 7.76 0.90
C HIS A 85 5.54 7.63 0.03
N LEU A 86 5.40 7.94 -1.26
CA LEU A 86 6.51 7.90 -2.20
C LEU A 86 7.41 9.13 -2.06
N VAL A 87 6.83 10.31 -2.27
CA VAL A 87 7.61 11.55 -2.16
C VAL A 87 7.15 12.51 -1.07
N ARG A 88 5.86 12.82 -1.07
CA ARG A 88 5.34 13.76 -0.12
C ARG A 88 4.38 13.14 0.86
N TYR A 89 4.51 13.54 2.12
CA TYR A 89 3.64 13.07 3.16
C TYR A 89 2.13 13.26 2.87
N THR A 90 1.76 14.37 2.24
CA THR A 90 0.36 14.66 1.93
C THR A 90 -0.28 13.59 1.02
N GLU A 91 0.53 12.75 0.40
CA GLU A 91 -0.01 11.66 -0.42
C GLU A 91 -0.83 10.71 0.45
N ARG A 92 -0.54 10.66 1.73
CA ARG A 92 -1.22 9.73 2.65
C ARG A 92 -2.72 9.98 2.90
N VAL A 93 -3.21 11.16 2.58
CA VAL A 93 -4.63 11.43 2.80
C VAL A 93 -5.26 12.02 1.56
N ARG A 94 -6.15 11.26 0.92
CA ARG A 94 -6.83 11.77 -0.28
C ARG A 94 -8.32 11.93 0.03
N VAL A 95 -8.92 12.98 -0.52
CA VAL A 95 -10.37 13.20 -0.43
C VAL A 95 -10.75 13.46 -1.88
N GLN A 96 -11.67 12.65 -2.40
CA GLN A 96 -12.06 12.77 -3.78
C GLN A 96 -10.86 12.66 -4.73
N GLY A 97 -9.92 11.76 -4.39
CA GLY A 97 -8.75 11.52 -5.23
C GLY A 97 -7.73 12.63 -5.21
N GLN A 98 -7.90 13.60 -4.33
CA GLN A 98 -6.95 14.72 -4.24
C GLN A 98 -6.35 14.89 -2.85
N GLU A 99 -5.11 15.38 -2.82
CA GLU A 99 -4.48 15.65 -1.57
C GLU A 99 -5.11 16.90 -0.98
N LEU A 100 -4.96 17.06 0.32
CA LEU A 100 -5.52 18.20 1.03
C LEU A 100 -4.39 19.20 1.28
N PRO A 101 -4.77 20.45 1.46
CA PRO A 101 -3.82 21.52 1.70
C PRO A 101 -2.97 21.20 2.89
N GLU A 102 -1.71 21.60 2.81
CA GLU A 102 -0.75 21.39 3.89
C GLU A 102 -1.27 22.03 5.20
N SER A 103 -1.93 23.18 5.08
CA SER A 103 -2.43 23.91 6.25
C SER A 103 -3.60 23.16 6.93
N ALA A 104 -4.27 22.30 6.17
CA ALA A 104 -5.36 21.47 6.71
C ALA A 104 -4.67 20.40 7.58
N HIS A 105 -3.57 19.86 7.08
CA HIS A 105 -2.80 18.89 7.85
C HIS A 105 -2.23 19.47 9.16
N THR A 106 -1.60 20.63 9.09
CA THR A 106 -1.01 21.24 10.28
C THR A 106 -2.11 21.65 11.31
N ALA A 107 -3.26 22.07 10.82
CA ALA A 107 -4.39 22.41 11.68
C ALA A 107 -4.85 21.15 12.39
N SER A 108 -4.97 20.06 11.64
CA SER A 108 -5.36 18.78 12.22
C SER A 108 -4.36 18.34 13.28
N PHE A 109 -3.06 18.52 13.01
CA PHE A 109 -2.04 18.13 13.98
C PHE A 109 -2.19 18.97 15.24
N ALA A 110 -2.46 20.28 15.07
CA ALA A 110 -2.67 21.18 16.22
C ALA A 110 -3.85 20.69 17.09
N GLU A 111 -4.92 20.24 16.43
CA GLU A 111 -6.10 19.73 17.15
C GLU A 111 -5.70 18.47 17.95
N ILE A 112 -4.96 17.57 17.33
CA ILE A 112 -4.54 16.36 18.01
C ILE A 112 -3.61 16.69 19.18
N GLU A 113 -2.72 17.67 18.96
CA GLU A 113 -1.78 18.03 20.02
C GLU A 113 -2.48 18.52 21.28
N SER A 114 -3.53 19.30 21.09
CA SER A 114 -4.27 19.79 22.25
C SER A 114 -5.12 18.66 22.85
N ALA A 115 -5.80 17.90 21.99
CA ALA A 115 -6.64 16.81 22.46
C ALA A 115 -5.90 15.68 23.18
N ARG A 116 -4.65 15.41 22.82
CA ARG A 116 -3.95 14.29 23.48
C ARG A 116 -3.57 14.51 24.93
N GLY A 117 -3.53 15.77 25.35
CA GLY A 117 -3.14 16.08 26.72
C GLY A 117 -1.78 15.46 27.00
N ASP A 118 -1.73 14.55 27.97
CA ASP A 118 -0.47 13.92 28.32
C ASP A 118 -0.30 12.53 27.75
N ILE A 119 -1.24 12.13 26.87
CA ILE A 119 -1.14 10.82 26.25
C ILE A 119 -0.15 10.89 25.10
N SER A 120 0.87 10.02 25.16
CA SER A 120 1.89 9.99 24.13
C SER A 120 1.37 9.25 22.90
N LEU A 121 1.78 9.71 21.72
CA LEU A 121 1.42 9.08 20.47
C LEU A 121 2.63 8.96 19.55
N THR A 122 2.65 7.90 18.75
CA THR A 122 3.72 7.70 17.80
C THR A 122 3.40 8.46 16.53
N TYR A 123 4.37 8.48 15.61
CA TYR A 123 4.22 9.15 14.33
C TYR A 123 3.02 8.58 13.58
N PHE A 124 2.93 7.26 13.47
CA PHE A 124 1.78 6.70 12.76
C PHE A 124 0.46 6.91 13.52
N GLU A 125 0.48 6.89 14.84
CA GLU A 125 -0.77 7.12 15.60
C GLU A 125 -1.25 8.55 15.37
N TYR A 126 -0.32 9.48 15.42
CA TYR A 126 -0.61 10.87 15.14
C TYR A 126 -1.18 11.03 13.71
N GLY A 127 -0.50 10.45 12.74
CA GLY A 127 -0.89 10.51 11.34
C GLY A 127 -2.27 9.88 11.14
N THR A 128 -2.57 8.82 11.88
CA THR A 128 -3.86 8.13 11.77
C THR A 128 -4.99 9.01 12.29
N LEU A 129 -4.80 9.57 13.48
CA LEU A 129 -5.77 10.49 14.09
C LEU A 129 -5.96 11.68 13.16
N SER A 130 -4.87 12.16 12.55
CA SER A 130 -4.98 13.26 11.61
C SER A 130 -5.87 12.93 10.40
N ALA A 131 -5.62 11.78 9.77
CA ALA A 131 -6.40 11.33 8.61
C ALA A 131 -7.86 11.23 9.03
N LEU A 132 -8.13 10.64 10.19
CA LEU A 132 -9.52 10.50 10.66
C LEU A 132 -10.20 11.87 10.88
N TRP A 133 -9.46 12.80 11.47
CA TRP A 133 -9.98 14.12 11.74
C TRP A 133 -10.22 14.85 10.45
N LEU A 134 -9.29 14.73 9.51
CA LEU A 134 -9.48 15.39 8.20
C LEU A 134 -10.68 14.81 7.49
N PHE A 135 -10.88 13.50 7.61
CA PHE A 135 -12.04 12.83 6.99
C PHE A 135 -13.34 13.30 7.66
N LYS A 136 -13.34 13.39 8.99
CA LYS A 136 -14.54 13.85 9.70
C LYS A 136 -14.95 15.23 9.23
N GLN A 137 -13.99 16.13 9.13
CA GLN A 137 -14.21 17.51 8.68
C GLN A 137 -14.79 17.55 7.27
N ALA A 138 -14.38 16.59 6.45
CA ALA A 138 -14.80 16.52 5.05
C ALA A 138 -16.20 16.01 4.78
N GLN A 139 -16.89 15.50 5.80
CA GLN A 139 -18.27 15.00 5.68
C GLN A 139 -18.43 14.05 4.49
N LEU A 140 -17.65 12.96 4.52
CA LEU A 140 -17.60 11.99 3.45
C LEU A 140 -18.65 10.92 3.57
N ASP A 141 -18.85 10.21 2.47
CA ASP A 141 -19.77 9.09 2.51
C ASP A 141 -19.01 7.83 2.86
N VAL A 142 -17.81 7.69 2.30
CA VAL A 142 -17.04 6.48 2.53
C VAL A 142 -15.60 6.83 2.82
N VAL A 143 -15.02 6.11 3.79
CA VAL A 143 -13.63 6.28 4.14
C VAL A 143 -12.96 4.91 4.01
N ILE A 144 -11.79 4.90 3.36
CA ILE A 144 -11.03 3.68 3.15
C ILE A 144 -9.72 3.80 3.91
N LEU A 145 -9.52 2.89 4.86
CA LEU A 145 -8.34 2.94 5.68
C LEU A 145 -7.38 1.80 5.32
N GLU A 146 -6.17 2.17 4.93
CA GLU A 146 -5.14 1.19 4.69
C GLU A 146 -4.49 0.95 6.05
N VAL A 147 -4.43 -0.33 6.46
CA VAL A 147 -3.79 -0.68 7.72
C VAL A 147 -2.30 -0.40 7.60
N GLY A 148 -1.74 0.17 8.66
CA GLY A 148 -0.32 0.49 8.70
C GLY A 148 0.55 -0.77 8.77
N LEU A 149 0.36 -1.57 9.83
CA LEU A 149 1.16 -2.77 10.05
C LEU A 149 0.36 -3.79 10.82
N GLY A 150 0.10 -4.92 10.16
CA GLY A 150 -0.63 -6.03 10.77
C GLY A 150 -2.12 -5.85 10.66
N GLY A 151 -2.75 -5.57 11.81
CA GLY A 151 -4.19 -5.33 11.85
C GLY A 151 -4.70 -5.17 13.26
N ARG A 152 -4.64 -6.24 14.03
CA ARG A 152 -5.12 -6.25 15.39
C ARG A 152 -4.68 -5.03 16.23
N LEU A 153 -3.40 -4.70 16.19
CA LEU A 153 -2.85 -3.60 16.98
C LEU A 153 -2.52 -2.34 16.22
N ASP A 154 -2.86 -2.30 14.93
CA ASP A 154 -2.63 -1.14 14.09
C ASP A 154 -3.56 0.02 14.48
N ALA A 155 -3.04 1.26 14.43
CA ALA A 155 -3.84 2.43 14.82
C ALA A 155 -5.16 2.49 14.09
N THR A 156 -5.19 2.03 12.85
CA THR A 156 -6.44 2.05 12.08
C THR A 156 -7.54 1.16 12.67
N ASN A 157 -7.16 0.19 13.48
CA ASN A 157 -8.12 -0.75 14.08
C ASN A 157 -8.92 -0.18 15.26
N ILE A 158 -8.74 1.11 15.54
CA ILE A 158 -9.55 1.74 16.58
C ILE A 158 -10.94 2.07 15.96
N VAL A 159 -10.98 2.11 14.63
CA VAL A 159 -12.19 2.36 13.86
C VAL A 159 -12.82 1.01 13.55
N ASP A 160 -14.14 0.92 13.62
CA ASP A 160 -14.81 -0.35 13.33
C ASP A 160 -15.18 -0.37 11.85
N ALA A 161 -14.49 -1.19 11.07
CA ALA A 161 -14.81 -1.26 9.65
C ALA A 161 -16.16 -1.88 9.35
N ASP A 162 -16.81 -1.36 8.32
CA ASP A 162 -18.10 -1.90 7.85
C ASP A 162 -17.82 -3.08 6.91
N VAL A 163 -16.65 -3.06 6.27
CA VAL A 163 -16.13 -4.13 5.44
C VAL A 163 -14.65 -4.19 5.73
N ALA A 164 -14.19 -5.37 6.15
CA ALA A 164 -12.77 -5.59 6.45
C ALA A 164 -12.24 -6.38 5.26
N VAL A 165 -11.00 -6.08 4.88
CA VAL A 165 -10.38 -6.73 3.72
C VAL A 165 -8.96 -7.22 4.04
N VAL A 166 -8.65 -8.42 3.58
CA VAL A 166 -7.30 -8.97 3.68
C VAL A 166 -6.85 -9.25 2.23
N THR A 167 -5.83 -8.53 1.78
CA THR A 167 -5.36 -8.64 0.40
C THR A 167 -4.50 -9.85 0.05
N SER A 168 -3.59 -10.19 0.95
CA SER A 168 -2.69 -11.33 0.79
C SER A 168 -2.04 -11.56 2.16
N ILE A 169 -1.51 -12.75 2.36
CA ILE A 169 -0.77 -13.07 3.57
C ILE A 169 0.53 -13.71 3.10
N ALA A 170 1.65 -13.10 3.48
CA ALA A 170 2.96 -13.61 3.15
C ALA A 170 3.92 -13.15 4.24
N LEU A 171 5.18 -13.48 4.09
CA LEU A 171 6.14 -13.13 5.13
C LEU A 171 6.69 -11.72 5.05
N ASP A 172 6.29 -10.88 6.00
CA ASP A 172 6.82 -9.53 6.18
C ASP A 172 6.48 -9.14 7.61
N HIS A 173 7.30 -8.27 8.20
CA HIS A 173 7.08 -7.76 9.55
C HIS A 173 7.04 -8.86 10.58
N THR A 174 7.83 -9.90 10.39
CA THR A 174 7.83 -11.00 11.35
C THR A 174 8.29 -10.56 12.75
N ASP A 175 9.01 -9.43 12.80
CA ASP A 175 9.46 -8.90 14.08
C ASP A 175 8.25 -8.56 14.94
N TRP A 176 7.16 -8.11 14.31
CA TRP A 176 5.94 -7.74 15.03
C TRP A 176 4.82 -8.74 14.93
N LEU A 177 4.74 -9.42 13.79
CA LEU A 177 3.60 -10.31 13.55
C LEU A 177 3.80 -11.81 13.70
N GLY A 178 4.98 -12.25 14.09
CA GLY A 178 5.21 -13.69 14.20
C GLY A 178 5.92 -14.22 12.95
N PRO A 179 6.53 -15.39 13.12
CA PRO A 179 7.37 -16.01 12.10
C PRO A 179 6.73 -16.78 10.95
N ASP A 180 5.42 -16.91 10.92
CA ASP A 180 4.78 -17.71 9.87
C ASP A 180 3.46 -17.14 9.36
N ARG A 181 2.96 -17.70 8.28
CA ARG A 181 1.72 -17.21 7.70
C ARG A 181 0.53 -17.27 8.68
N GLU A 182 0.54 -18.27 9.55
CA GLU A 182 -0.54 -18.41 10.52
C GLU A 182 -0.52 -17.24 11.53
N SER A 183 0.64 -16.95 12.12
CA SER A 183 0.71 -15.86 13.10
C SER A 183 0.39 -14.52 12.40
N ILE A 184 0.96 -14.30 11.23
CA ILE A 184 0.72 -13.08 10.44
C ILE A 184 -0.79 -12.93 10.06
N GLY A 185 -1.39 -14.02 9.61
CA GLY A 185 -2.81 -14.05 9.23
C GLY A 185 -3.68 -13.66 10.43
N ARG A 186 -3.40 -14.23 11.60
CA ARG A 186 -4.17 -13.89 12.79
C ARG A 186 -4.14 -12.37 13.06
N GLU A 187 -2.94 -11.76 12.97
CA GLU A 187 -2.81 -10.33 13.21
C GLU A 187 -3.59 -9.49 12.19
N KCX A 188 -3.49 -9.85 10.91
CA KCX A 188 -4.22 -9.12 9.86
CB KCX A 188 -3.88 -9.59 8.45
CG KCX A 188 -2.77 -8.85 7.69
CD KCX A 188 -1.40 -9.28 8.21
CE KCX A 188 -0.22 -8.67 7.45
NZ KCX A 188 -0.17 -7.20 7.61
C KCX A 188 -5.73 -9.19 10.06
O KCX A 188 -6.43 -8.21 9.88
CX KCX A 188 0.79 -6.36 7.16
OQ1 KCX A 188 1.79 -6.91 6.66
OQ2 KCX A 188 0.63 -5.13 7.27
N ALA A 189 -6.21 -10.36 10.46
CA ALA A 189 -7.63 -10.60 10.68
C ALA A 189 -8.22 -9.83 11.85
N GLY A 190 -7.36 -9.17 12.64
CA GLY A 190 -7.79 -8.39 13.79
C GLY A 190 -8.72 -7.24 13.40
N ILE A 191 -8.72 -6.85 12.13
CA ILE A 191 -9.60 -5.78 11.68
C ILE A 191 -11.02 -6.30 11.40
N PHE A 192 -11.23 -7.62 11.47
CA PHE A 192 -12.58 -8.16 11.24
C PHE A 192 -13.51 -7.68 12.36
N ARG A 193 -14.81 -7.64 12.07
CA ARG A 193 -15.84 -7.23 13.04
C ARG A 193 -17.08 -8.13 12.95
N SER A 194 -17.75 -8.30 14.07
CA SER A 194 -18.99 -9.09 14.15
C SER A 194 -20.02 -8.65 13.13
N GLU A 195 -20.54 -9.63 12.41
CA GLU A 195 -21.60 -9.40 11.42
C GLU A 195 -21.21 -8.45 10.31
N LYS A 196 -19.91 -8.28 10.05
CA LYS A 196 -19.50 -7.42 8.97
C LYS A 196 -18.74 -8.30 7.98
N PRO A 197 -18.84 -8.02 6.68
CA PRO A 197 -18.09 -8.82 5.71
C PRO A 197 -16.58 -8.76 5.99
N ALA A 198 -15.94 -9.92 5.91
CA ALA A 198 -14.49 -10.07 6.07
C ALA A 198 -14.05 -10.68 4.73
N ILE A 199 -13.61 -9.79 3.84
CA ILE A 199 -13.19 -10.13 2.47
C ILE A 199 -11.74 -10.55 2.38
N VAL A 200 -11.51 -11.82 2.08
CA VAL A 200 -10.17 -12.35 2.01
C VAL A 200 -9.73 -12.69 0.57
N GLY A 201 -8.79 -11.91 0.05
CA GLY A 201 -8.26 -12.07 -1.31
C GLY A 201 -7.00 -12.95 -1.42
N GLU A 202 -6.55 -13.48 -0.30
CA GLU A 202 -5.41 -14.40 -0.24
C GLU A 202 -5.99 -15.77 -0.67
N PRO A 203 -5.49 -16.34 -1.77
CA PRO A 203 -6.01 -17.64 -2.25
C PRO A 203 -5.59 -18.84 -1.35
N GLU A 204 -4.53 -18.69 -0.58
CA GLU A 204 -4.09 -19.77 0.33
C GLU A 204 -4.24 -19.21 1.71
N MET A 205 -5.48 -19.13 2.18
CA MET A 205 -5.80 -18.53 3.45
C MET A 205 -5.34 -19.33 4.66
N PRO A 206 -4.53 -18.71 5.52
CA PRO A 206 -4.10 -19.41 6.74
C PRO A 206 -5.33 -19.67 7.58
N SER A 207 -5.33 -20.81 8.29
CA SER A 207 -6.50 -21.21 9.09
C SER A 207 -6.83 -20.21 10.18
N THR A 208 -5.81 -19.49 10.63
CA THR A 208 -5.98 -18.49 11.68
C THR A 208 -6.92 -17.38 11.27
N ILE A 209 -7.02 -17.12 9.97
CA ILE A 209 -7.96 -16.11 9.49
C ILE A 209 -9.39 -16.58 9.71
N ALA A 210 -9.65 -17.85 9.47
CA ALA A 210 -10.98 -18.39 9.71
C ALA A 210 -11.25 -18.43 11.23
N ASP A 211 -10.21 -18.70 12.03
CA ASP A 211 -10.35 -18.74 13.50
C ASP A 211 -10.82 -17.38 13.99
N VAL A 212 -10.13 -16.33 13.57
CA VAL A 212 -10.46 -14.98 14.00
C VAL A 212 -11.84 -14.60 13.52
N ALA A 213 -12.21 -14.98 12.30
CA ALA A 213 -13.54 -14.68 11.77
C ALA A 213 -14.58 -15.35 12.66
N GLN A 214 -14.32 -16.56 13.10
CA GLN A 214 -15.25 -17.24 13.99
C GLN A 214 -15.26 -16.60 15.37
N GLU A 215 -14.08 -16.27 15.90
CA GLU A 215 -13.97 -15.62 17.21
C GLU A 215 -14.77 -14.32 17.26
N LYS A 216 -14.74 -13.57 16.16
CA LYS A 216 -15.44 -12.29 16.08
C LYS A 216 -16.87 -12.37 15.56
N GLY A 217 -17.20 -13.45 14.87
CA GLY A 217 -18.53 -13.56 14.29
C GLY A 217 -18.58 -12.77 12.98
N ALA A 218 -17.41 -12.57 12.37
CA ALA A 218 -17.31 -11.85 11.10
C ALA A 218 -17.87 -12.74 9.97
N LEU A 219 -18.28 -12.11 8.87
CA LEU A 219 -18.83 -12.84 7.73
C LEU A 219 -17.74 -13.08 6.68
N LEU A 220 -17.00 -14.19 6.80
CA LEU A 220 -15.90 -14.51 5.90
C LEU A 220 -16.33 -14.78 4.47
N GLN A 221 -15.71 -14.08 3.52
CA GLN A 221 -16.03 -14.24 2.10
C GLN A 221 -14.70 -14.22 1.41
N ARG A 222 -14.25 -15.41 1.02
CA ARG A 222 -12.93 -15.58 0.46
C ARG A 222 -12.81 -16.06 -0.96
N ARG A 223 -11.69 -15.67 -1.57
CA ARG A 223 -11.34 -16.05 -2.93
C ARG A 223 -11.22 -17.56 -3.01
N GLY A 224 -11.85 -18.13 -4.03
CA GLY A 224 -11.81 -19.57 -4.24
C GLY A 224 -13.02 -20.23 -3.60
N VAL A 225 -13.70 -19.50 -2.73
CA VAL A 225 -14.89 -20.04 -2.05
C VAL A 225 -16.12 -19.21 -2.31
N GLU A 226 -16.30 -18.12 -1.57
CA GLU A 226 -17.47 -17.22 -1.76
C GLU A 226 -17.39 -16.41 -3.05
N TRP A 227 -16.18 -16.17 -3.53
CA TRP A 227 -16.01 -15.40 -4.75
C TRP A 227 -14.78 -15.84 -5.51
N ASN A 228 -14.72 -15.49 -6.79
CA ASN A 228 -13.57 -15.88 -7.62
C ASN A 228 -13.49 -15.05 -8.88
N TYR A 229 -12.41 -15.23 -9.61
CA TYR A 229 -12.21 -14.50 -10.85
C TYR A 229 -11.40 -15.34 -11.79
N SER A 230 -11.46 -15.01 -13.06
CA SER A 230 -10.71 -15.72 -14.08
C SER A 230 -10.17 -14.64 -15.00
N VAL A 231 -9.06 -14.91 -15.66
CA VAL A 231 -8.44 -13.94 -16.51
C VAL A 231 -8.18 -14.48 -17.91
N THR A 232 -8.04 -13.56 -18.84
CA THR A 232 -7.76 -13.84 -20.23
C THR A 232 -6.65 -12.87 -20.59
N ASP A 233 -6.07 -12.99 -21.79
CA ASP A 233 -4.99 -12.09 -22.23
C ASP A 233 -5.52 -10.66 -22.45
N HIS A 234 -6.83 -10.55 -22.58
CA HIS A 234 -7.43 -9.27 -22.87
C HIS A 234 -8.44 -8.66 -21.91
N ASP A 235 -8.89 -9.43 -20.92
CA ASP A 235 -9.89 -8.95 -19.93
C ASP A 235 -10.01 -9.97 -18.80
N TRP A 236 -11.01 -9.81 -17.95
CA TRP A 236 -11.24 -10.75 -16.85
C TRP A 236 -12.71 -10.79 -16.46
N ALA A 237 -13.05 -11.77 -15.65
CA ALA A 237 -14.41 -11.95 -15.17
C ALA A 237 -14.37 -12.21 -13.68
N PHE A 238 -15.47 -11.87 -13.04
CA PHE A 238 -15.57 -12.01 -11.60
C PHE A 238 -16.89 -12.67 -11.26
N SER A 239 -16.87 -13.47 -10.21
CA SER A 239 -18.09 -14.10 -9.74
C SER A 239 -18.21 -14.14 -8.20
N ASP A 240 -19.43 -13.97 -7.70
CA ASP A 240 -19.68 -14.06 -6.26
C ASP A 240 -21.12 -14.55 -6.06
N ALA A 241 -21.63 -14.48 -4.84
CA ALA A 241 -23.00 -14.95 -4.56
C ALA A 241 -24.08 -14.12 -5.29
N HIS A 242 -23.75 -12.89 -5.63
CA HIS A 242 -24.73 -12.03 -6.28
C HIS A 242 -24.73 -12.08 -7.80
N GLY A 243 -23.80 -12.82 -8.40
CA GLY A 243 -23.76 -12.91 -9.85
C GLY A 243 -22.36 -12.84 -10.43
N THR A 244 -22.27 -12.55 -11.72
CA THR A 244 -20.99 -12.47 -12.40
C THR A 244 -20.85 -11.19 -13.24
N LEU A 245 -19.60 -10.81 -13.48
CA LEU A 245 -19.28 -9.66 -14.31
C LEU A 245 -18.27 -10.12 -15.34
N GLU A 246 -18.55 -9.84 -16.62
CA GLU A 246 -17.67 -10.25 -17.70
C GLU A 246 -16.91 -9.11 -18.37
N ASN A 247 -15.85 -9.50 -19.09
CA ASN A 247 -15.06 -8.58 -19.89
C ASN A 247 -14.68 -7.34 -19.13
N LEU A 248 -14.26 -7.54 -17.89
CA LEU A 248 -13.83 -6.44 -17.05
C LEU A 248 -12.51 -5.89 -17.61
N PRO A 249 -12.26 -4.61 -17.42
CA PRO A 249 -10.99 -4.04 -17.91
C PRO A 249 -9.77 -4.68 -17.23
N LEU A 250 -8.76 -5.06 -18.02
CA LEU A 250 -7.53 -5.60 -17.43
C LEU A 250 -7.03 -4.48 -16.53
N PRO A 251 -6.72 -4.80 -15.29
CA PRO A 251 -6.34 -3.75 -14.34
C PRO A 251 -4.97 -3.18 -14.56
N LEU A 252 -4.80 -1.94 -14.13
CA LEU A 252 -3.53 -1.23 -14.18
C LEU A 252 -2.89 -1.33 -12.81
N VAL A 253 -3.50 -2.14 -11.94
CA VAL A 253 -2.97 -2.48 -10.61
C VAL A 253 -2.91 -4.02 -10.62
N PRO A 254 -2.24 -4.65 -9.66
CA PRO A 254 -2.17 -6.11 -9.66
C PRO A 254 -3.53 -6.79 -9.75
N GLN A 255 -3.64 -7.75 -10.65
CA GLN A 255 -4.87 -8.48 -10.88
C GLN A 255 -5.60 -9.00 -9.60
N PRO A 256 -4.87 -9.63 -8.69
CA PRO A 256 -5.51 -10.16 -7.46
C PRO A 256 -6.21 -9.08 -6.61
N ASN A 257 -5.61 -7.88 -6.58
CA ASN A 257 -6.12 -6.76 -5.81
C ASN A 257 -7.35 -6.12 -6.43
N ALA A 258 -7.41 -6.10 -7.76
CA ALA A 258 -8.56 -5.53 -8.44
C ALA A 258 -9.74 -6.44 -8.10
N ALA A 259 -9.51 -7.75 -8.07
CA ALA A 259 -10.58 -8.71 -7.76
C ALA A 259 -10.98 -8.60 -6.29
N THR A 260 -10.01 -8.43 -5.40
CA THR A 260 -10.29 -8.27 -3.97
C THR A 260 -11.14 -7.02 -3.72
N ALA A 261 -10.76 -5.91 -4.34
CA ALA A 261 -11.53 -4.66 -4.23
C ALA A 261 -12.97 -4.86 -4.73
N LEU A 262 -13.12 -5.49 -5.89
CA LEU A 262 -14.45 -5.71 -6.45
C LEU A 262 -15.30 -6.58 -5.52
N ALA A 263 -14.69 -7.61 -4.94
CA ALA A 263 -15.39 -8.48 -4.01
C ALA A 263 -15.87 -7.68 -2.81
N ALA A 264 -14.98 -6.85 -2.25
CA ALA A 264 -15.33 -6.03 -1.09
C ALA A 264 -16.43 -5.02 -1.44
N LEU A 265 -16.33 -4.45 -2.62
CA LEU A 265 -17.30 -3.47 -3.06
C LEU A 265 -18.68 -4.12 -3.19
N ARG A 266 -18.72 -5.30 -3.79
CA ARG A 266 -20.00 -5.98 -3.94
C ARG A 266 -20.58 -6.48 -2.63
N ALA A 267 -19.70 -6.82 -1.69
CA ALA A 267 -20.16 -7.32 -0.41
C ALA A 267 -20.67 -6.19 0.46
N SER A 268 -20.26 -4.96 0.13
CA SER A 268 -20.62 -3.80 0.94
C SER A 268 -22.08 -3.40 0.92
N GLY A 269 -22.77 -3.73 -0.16
CA GLY A 269 -24.17 -3.33 -0.26
C GLY A 269 -24.29 -1.89 -0.74
N LEU A 270 -23.17 -1.21 -0.96
CA LEU A 270 -23.24 0.17 -1.43
C LEU A 270 -23.86 0.15 -2.83
N GLU A 271 -24.51 1.23 -3.23
CA GLU A 271 -25.13 1.29 -4.54
C GLU A 271 -24.11 1.76 -5.56
N VAL A 272 -23.65 0.83 -6.36
CA VAL A 272 -22.61 1.12 -7.35
C VAL A 272 -22.99 0.40 -8.67
N SER A 273 -23.11 1.16 -9.75
CA SER A 273 -23.48 0.59 -11.05
C SER A 273 -22.34 -0.23 -11.69
N GLU A 274 -22.71 -1.07 -12.66
CA GLU A 274 -21.74 -1.88 -13.37
C GLU A 274 -20.79 -0.97 -14.14
N ASN A 275 -21.33 0.13 -14.67
CA ASN A 275 -20.49 1.08 -15.40
C ASN A 275 -19.48 1.78 -14.47
N ALA A 276 -19.88 2.05 -13.23
CA ALA A 276 -18.97 2.70 -12.25
C ALA A 276 -17.85 1.73 -11.89
N ILE A 277 -18.17 0.43 -11.82
CA ILE A 277 -17.18 -0.62 -11.57
C ILE A 277 -16.20 -0.69 -12.74
N ARG A 278 -16.71 -0.73 -13.97
CA ARG A 278 -15.84 -0.75 -15.16
C ARG A 278 -14.94 0.50 -15.23
N ASP A 279 -15.57 1.66 -15.11
CA ASP A 279 -14.82 2.92 -15.16
C ASP A 279 -13.79 2.97 -14.03
N GLY A 280 -14.19 2.55 -12.83
CA GLY A 280 -13.29 2.56 -11.67
C GLY A 280 -12.07 1.66 -11.88
N ILE A 281 -12.30 0.44 -12.35
CA ILE A 281 -11.19 -0.48 -12.58
C ILE A 281 -10.31 0.02 -13.71
N ALA A 282 -10.94 0.55 -14.76
CA ALA A 282 -10.18 1.03 -15.90
C ALA A 282 -9.29 2.21 -15.56
N SER A 283 -9.68 2.98 -14.55
CA SER A 283 -8.93 4.18 -14.16
C SER A 283 -8.10 4.04 -12.88
N ALA A 284 -8.18 2.89 -12.21
CA ALA A 284 -7.42 2.67 -10.97
C ALA A 284 -5.96 2.38 -11.26
N ILE A 285 -5.09 3.24 -10.75
CA ILE A 285 -3.69 3.04 -10.99
C ILE A 285 -2.94 3.73 -9.86
N LEU A 286 -1.78 3.19 -9.52
CA LEU A 286 -0.97 3.73 -8.43
C LEU A 286 0.50 3.79 -8.84
N PRO A 287 1.04 5.01 -8.82
CA PRO A 287 2.43 5.22 -9.18
C PRO A 287 3.32 4.26 -8.37
N GLY A 288 4.30 3.69 -9.06
CA GLY A 288 5.26 2.77 -8.44
C GLY A 288 4.82 1.33 -8.26
N ARG A 289 3.63 0.99 -8.79
CA ARG A 289 3.09 -0.38 -8.69
C ARG A 289 2.98 -0.85 -10.13
N PHE A 290 3.99 -1.62 -10.56
CA PHE A 290 4.18 -2.07 -11.96
C PHE A 290 3.81 -0.97 -12.96
N GLN A 291 4.44 0.16 -12.75
CA GLN A 291 4.16 1.33 -13.55
C GLN A 291 5.03 1.36 -14.81
N ILE A 292 4.39 1.37 -15.97
CA ILE A 292 5.15 1.46 -17.23
C ILE A 292 5.32 2.95 -17.48
N VAL A 293 6.53 3.40 -17.22
CA VAL A 293 6.90 4.81 -17.29
C VAL A 293 7.12 5.35 -18.71
N SER A 294 7.84 4.57 -19.51
CA SER A 294 8.18 4.98 -20.87
C SER A 294 8.57 3.74 -21.67
N GLU A 295 8.77 3.93 -22.97
CA GLU A 295 9.14 2.83 -23.87
C GLU A 295 10.42 3.17 -24.63
N SER A 296 11.04 2.15 -25.21
CA SER A 296 12.30 2.30 -25.98
C SER A 296 13.39 3.15 -25.28
N PRO A 297 13.93 2.68 -24.16
CA PRO A 297 13.62 1.37 -23.55
C PRO A 297 12.41 1.38 -22.62
N ARG A 298 11.86 0.20 -22.35
CA ARG A 298 10.72 0.07 -21.43
C ARG A 298 11.26 0.38 -20.03
N VAL A 299 10.66 1.37 -19.38
CA VAL A 299 11.05 1.74 -18.03
C VAL A 299 9.88 1.35 -17.12
N ILE A 300 10.18 0.58 -16.08
CA ILE A 300 9.15 0.13 -15.15
C ILE A 300 9.56 0.45 -13.74
N PHE A 301 8.61 0.94 -12.93
CA PHE A 301 8.88 1.20 -11.52
C PHE A 301 8.01 0.23 -10.70
N ASP A 302 8.62 -0.44 -9.74
CA ASP A 302 7.84 -1.30 -8.88
C ASP A 302 8.47 -1.32 -7.49
N VAL A 303 7.63 -1.02 -6.51
CA VAL A 303 8.06 -0.90 -5.11
C VAL A 303 8.14 -2.21 -4.32
N ALA A 304 8.13 -3.38 -4.98
CA ALA A 304 8.24 -4.66 -4.26
C ALA A 304 9.39 -4.60 -3.25
N HIS A 305 9.12 -4.97 -2.02
CA HIS A 305 10.15 -4.92 -0.99
C HIS A 305 10.18 -6.12 -0.06
N ASN A 306 9.58 -7.23 -0.50
CA ASN A 306 9.65 -8.47 0.26
C ASN A 306 9.60 -9.59 -0.76
N PRO A 307 9.99 -10.80 -0.37
CA PRO A 307 10.00 -11.89 -1.37
C PRO A 307 8.67 -12.23 -2.08
N HIS A 308 7.54 -12.10 -1.39
CA HIS A 308 6.22 -12.39 -1.99
C HIS A 308 5.96 -11.35 -3.12
N ALA A 309 6.30 -10.10 -2.87
CA ALA A 309 6.13 -9.03 -3.87
C ALA A 309 7.17 -9.22 -4.98
N ALA A 310 8.39 -9.63 -4.61
CA ALA A 310 9.45 -9.86 -5.61
C ALA A 310 9.05 -10.99 -6.56
N GLU A 311 8.45 -12.05 -6.00
CA GLU A 311 7.99 -13.18 -6.79
C GLU A 311 6.88 -12.73 -7.74
N TYR A 312 5.97 -11.91 -7.25
CA TYR A 312 4.89 -11.40 -8.08
C TYR A 312 5.52 -10.53 -9.19
N LEU A 313 6.43 -9.64 -8.81
CA LEU A 313 7.08 -8.77 -9.80
C LEU A 313 7.81 -9.57 -10.86
N THR A 314 8.50 -10.60 -10.40
CA THR A 314 9.23 -11.50 -11.26
C THR A 314 8.25 -12.11 -12.28
N GLY A 315 7.08 -12.51 -11.81
CA GLY A 315 6.04 -13.05 -12.69
C GLY A 315 5.60 -12.02 -13.76
N ARG A 316 5.47 -10.76 -13.36
CA ARG A 316 5.08 -9.70 -14.31
C ARG A 316 6.21 -9.45 -15.31
N MET A 317 7.45 -9.50 -14.84
CA MET A 317 8.59 -9.27 -15.71
C MET A 317 8.69 -10.36 -16.78
N LYS A 318 8.50 -11.62 -16.37
CA LYS A 318 8.54 -12.76 -17.30
C LYS A 318 7.38 -12.74 -18.29
N ALA A 319 6.30 -12.05 -17.95
CA ALA A 319 5.15 -11.97 -18.86
C ALA A 319 5.34 -10.85 -19.92
N LEU A 320 6.34 -9.99 -19.72
CA LEU A 320 6.65 -8.90 -20.66
C LEU A 320 7.07 -9.49 -22.00
N PRO A 321 6.94 -8.72 -23.08
CA PRO A 321 7.34 -9.21 -24.40
C PRO A 321 8.78 -9.72 -24.33
N LYS A 322 9.03 -10.82 -25.02
CA LYS A 322 10.35 -11.42 -25.02
C LYS A 322 11.38 -10.52 -25.71
N ASN A 323 12.64 -10.89 -25.52
CA ASN A 323 13.76 -10.18 -26.12
C ASN A 323 14.26 -8.96 -25.36
N GLY A 324 15.51 -8.60 -25.64
CA GLY A 324 16.15 -7.46 -25.00
C GLY A 324 16.71 -7.88 -23.64
N ARG A 325 17.47 -7.00 -23.00
CA ARG A 325 18.05 -7.28 -21.70
C ARG A 325 17.22 -6.58 -20.62
N VAL A 326 17.29 -7.07 -19.39
CA VAL A 326 16.58 -6.43 -18.29
C VAL A 326 17.67 -5.85 -17.39
N LEU A 327 17.66 -4.54 -17.23
CA LEU A 327 18.64 -3.88 -16.37
C LEU A 327 17.86 -3.38 -15.15
N ALA A 328 18.35 -3.66 -13.96
CA ALA A 328 17.65 -3.21 -12.75
C ALA A 328 18.42 -2.18 -11.96
N VAL A 329 17.71 -1.15 -11.53
CA VAL A 329 18.29 -0.11 -10.68
C VAL A 329 17.68 -0.43 -9.31
N ILE A 330 18.54 -0.80 -8.36
CA ILE A 330 18.06 -1.25 -7.06
C ILE A 330 18.64 -0.58 -5.84
N GLY A 331 17.77 -0.39 -4.86
CA GLY A 331 18.12 0.18 -3.55
C GLY A 331 17.16 -0.49 -2.57
N MET A 332 17.63 -0.90 -1.39
CA MET A 332 16.74 -1.55 -0.42
C MET A 332 17.08 -1.16 1.01
N LEU A 333 16.16 -1.46 1.91
CA LEU A 333 16.35 -1.19 3.34
C LEU A 333 16.73 -2.52 4.00
N HIS A 334 17.63 -2.45 5.00
CA HIS A 334 18.13 -3.63 5.73
C HIS A 334 17.04 -4.35 6.54
N ASP A 335 15.91 -3.69 6.79
CA ASP A 335 14.83 -4.32 7.54
C ASP A 335 13.95 -5.27 6.71
N LYS A 336 14.30 -5.44 5.44
CA LYS A 336 13.56 -6.32 4.56
C LYS A 336 14.43 -7.54 4.31
N ASP A 337 13.81 -8.60 3.81
CA ASP A 337 14.54 -9.81 3.48
C ASP A 337 15.18 -9.55 2.12
N ILE A 338 16.32 -8.88 2.14
CA ILE A 338 17.03 -8.53 0.93
C ILE A 338 17.38 -9.81 0.13
N ALA A 339 17.95 -10.78 0.81
CA ALA A 339 18.34 -12.01 0.13
C ALA A 339 17.19 -12.66 -0.62
N GLY A 340 16.07 -12.83 0.08
CA GLY A 340 14.90 -13.49 -0.50
C GLY A 340 14.24 -12.67 -1.61
N THR A 341 14.29 -11.36 -1.47
CA THR A 341 13.75 -10.47 -2.47
C THR A 341 14.60 -10.57 -3.74
N LEU A 342 15.91 -10.47 -3.58
CA LEU A 342 16.82 -10.57 -4.73
C LEU A 342 16.89 -11.95 -5.35
N ALA A 343 16.74 -13.01 -4.55
CA ALA A 343 16.74 -14.38 -5.10
C ALA A 343 15.72 -14.46 -6.24
N TRP A 344 14.53 -13.89 -6.00
CA TRP A 344 13.47 -13.87 -7.01
C TRP A 344 13.85 -12.97 -8.19
N LEU A 345 14.23 -11.72 -7.90
CA LEU A 345 14.57 -10.76 -8.96
C LEU A 345 15.73 -11.24 -9.85
N LYS A 346 16.68 -11.95 -9.26
CA LYS A 346 17.83 -12.44 -10.02
C LYS A 346 17.44 -13.34 -11.17
N SER A 347 16.33 -14.06 -11.06
CA SER A 347 15.89 -14.94 -12.13
C SER A 347 15.40 -14.24 -13.37
N VAL A 348 15.23 -12.93 -13.29
CA VAL A 348 14.70 -12.21 -14.42
C VAL A 348 15.57 -11.04 -14.87
N VAL A 349 16.43 -10.59 -13.98
CA VAL A 349 17.31 -9.45 -14.27
C VAL A 349 18.63 -9.91 -14.85
N ASP A 350 19.09 -9.18 -15.87
CA ASP A 350 20.37 -9.50 -16.51
C ASP A 350 21.51 -8.69 -15.93
N ASP A 351 21.33 -7.37 -15.90
CA ASP A 351 22.35 -6.42 -15.43
C ASP A 351 21.88 -5.61 -14.25
N TRP A 352 22.66 -5.64 -13.18
CA TRP A 352 22.32 -4.95 -11.95
C TRP A 352 23.08 -3.65 -11.75
N TYR A 353 22.36 -2.60 -11.35
CA TYR A 353 22.91 -1.26 -11.05
C TYR A 353 22.51 -0.93 -9.61
N CYS A 354 23.45 -1.12 -8.70
CA CYS A 354 23.17 -0.96 -7.27
C CYS A 354 23.47 0.40 -6.73
N ALA A 355 22.61 0.85 -5.82
CA ALA A 355 22.76 2.14 -5.20
C ALA A 355 22.47 2.04 -3.72
N PRO A 356 23.08 2.93 -2.94
CA PRO A 356 22.83 2.94 -1.52
C PRO A 356 21.53 3.68 -1.24
N LEU A 357 20.95 3.45 -0.07
CA LEU A 357 19.76 4.20 0.31
C LEU A 357 20.21 4.91 1.58
N GLU A 358 20.21 6.26 1.50
CA GLU A 358 20.62 7.14 2.59
C GLU A 358 19.91 6.62 3.79
N GLY A 359 20.63 6.24 4.82
CA GLY A 359 19.82 5.77 5.89
C GLY A 359 20.32 5.03 7.07
N PRO A 360 19.48 5.19 8.08
CA PRO A 360 19.64 4.53 9.35
C PRO A 360 19.54 3.07 8.91
N ARG A 361 18.45 2.75 8.21
CA ARG A 361 18.22 1.39 7.70
C ARG A 361 18.46 1.07 6.22
N GLY A 362 19.12 1.97 5.48
CA GLY A 362 19.37 1.71 4.07
C GLY A 362 20.60 0.83 3.81
N ALA A 363 20.49 -0.08 2.86
CA ALA A 363 21.61 -0.94 2.51
C ALA A 363 22.54 -0.13 1.60
N THR A 364 23.84 -0.41 1.66
CA THR A 364 24.79 0.27 0.78
C THR A 364 24.75 -0.46 -0.56
N ALA A 365 25.33 0.17 -1.59
CA ALA A 365 25.45 -0.44 -2.91
C ALA A 365 26.26 -1.72 -2.81
N GLU A 366 27.36 -1.70 -2.04
CA GLU A 366 28.17 -2.90 -1.93
C GLU A 366 27.48 -4.04 -1.23
N GLN A 367 26.59 -3.75 -0.28
CA GLN A 367 25.86 -4.80 0.43
C GLN A 367 24.93 -5.54 -0.54
N LEU A 368 24.25 -4.78 -1.40
CA LEU A 368 23.38 -5.37 -2.41
C LEU A 368 24.23 -6.20 -3.38
N LEU A 369 25.34 -5.63 -3.82
CA LEU A 369 26.24 -6.32 -4.76
C LEU A 369 26.66 -7.71 -4.29
N GLU A 370 26.93 -7.83 -3.00
CA GLU A 370 27.35 -9.10 -2.46
C GLU A 370 26.26 -10.16 -2.60
N HIS A 371 25.01 -9.74 -2.56
CA HIS A 371 23.92 -10.70 -2.67
C HIS A 371 23.77 -11.16 -4.09
N LEU A 372 24.11 -10.27 -5.01
CA LEU A 372 23.95 -10.53 -6.42
C LEU A 372 25.02 -11.39 -7.04
N GLY A 373 26.26 -11.07 -6.73
CA GLY A 373 27.38 -11.83 -7.27
C GLY A 373 27.76 -11.26 -8.64
N ASN A 374 27.02 -10.27 -9.10
CA ASN A 374 27.32 -9.64 -10.38
C ASN A 374 26.73 -8.23 -10.28
N GLY A 375 27.11 -7.36 -11.18
CA GLY A 375 26.54 -6.00 -11.15
C GLY A 375 27.54 -4.93 -10.78
N LYS A 376 27.10 -3.67 -10.83
CA LYS A 376 27.96 -2.53 -10.53
C LYS A 376 27.37 -1.66 -9.45
N SER A 377 28.26 -1.08 -8.66
CA SER A 377 27.82 -0.22 -7.57
C SER A 377 27.95 1.26 -7.96
N PHE A 378 27.04 2.08 -7.46
CA PHE A 378 27.01 3.52 -7.74
C PHE A 378 26.86 4.29 -6.43
N ASP A 379 27.19 5.58 -6.46
CA ASP A 379 27.13 6.41 -5.26
C ASP A 379 25.73 6.90 -4.90
N SER A 380 24.78 6.77 -5.82
CA SER A 380 23.44 7.24 -5.53
C SER A 380 22.51 6.58 -6.49
N VAL A 381 21.22 6.60 -6.17
CA VAL A 381 20.20 6.02 -7.06
C VAL A 381 20.25 6.74 -8.40
N ALA A 382 20.34 8.07 -8.37
CA ALA A 382 20.42 8.86 -9.59
C ALA A 382 21.54 8.41 -10.53
N GLN A 383 22.72 8.16 -9.97
CA GLN A 383 23.86 7.70 -10.76
C GLN A 383 23.66 6.28 -11.30
N ALA A 384 23.04 5.42 -10.51
CA ALA A 384 22.75 4.06 -10.97
C ALA A 384 21.73 4.11 -12.11
N TRP A 385 20.74 4.99 -11.96
CA TRP A 385 19.69 5.21 -12.96
C TRP A 385 20.33 5.73 -14.23
N ASP A 386 21.20 6.73 -14.08
CA ASP A 386 21.87 7.28 -15.27
C ASP A 386 22.73 6.26 -16.00
N ALA A 387 23.46 5.45 -15.24
CA ALA A 387 24.30 4.40 -15.83
C ALA A 387 23.43 3.36 -16.57
N ALA A 388 22.32 2.93 -15.97
CA ALA A 388 21.45 1.95 -16.64
C ALA A 388 20.89 2.49 -17.94
N MET A 389 20.35 3.72 -17.89
CA MET A 389 19.76 4.36 -19.07
C MET A 389 20.81 4.62 -20.15
N ALA A 390 22.06 4.85 -19.74
CA ALA A 390 23.16 5.05 -20.68
C ALA A 390 23.48 3.72 -21.36
N ASP A 391 23.39 2.61 -20.61
CA ASP A 391 23.65 1.28 -21.16
C ASP A 391 22.48 0.66 -21.92
N ALA A 392 21.25 0.98 -21.53
CA ALA A 392 20.06 0.39 -22.14
C ALA A 392 19.90 0.72 -23.61
N LYS A 393 19.45 -0.26 -24.37
CA LYS A 393 19.17 -0.06 -25.79
C LYS A 393 17.67 0.03 -25.83
N ALA A 394 17.10 0.44 -26.96
CA ALA A 394 15.64 0.56 -27.06
C ALA A 394 14.89 -0.73 -26.82
N GLU A 395 15.51 -1.86 -27.12
CA GLU A 395 14.84 -3.14 -26.95
C GLU A 395 14.83 -3.65 -25.50
N ASP A 396 15.63 -3.01 -24.65
CA ASP A 396 15.77 -3.43 -23.24
C ASP A 396 14.67 -2.92 -22.32
N THR A 397 14.71 -3.36 -21.07
CA THR A 397 13.75 -2.91 -20.06
C THR A 397 14.59 -2.49 -18.86
N VAL A 398 14.29 -1.34 -18.28
CA VAL A 398 15.01 -0.91 -17.11
C VAL A 398 13.96 -0.93 -15.99
N LEU A 399 14.25 -1.68 -14.94
CA LEU A 399 13.34 -1.82 -13.80
C LEU A 399 13.95 -1.14 -12.59
N VAL A 400 13.19 -0.21 -12.00
CA VAL A 400 13.65 0.52 -10.82
C VAL A 400 12.86 -0.13 -9.72
N CYS A 401 13.58 -0.76 -8.78
CA CYS A 401 12.91 -1.53 -7.74
C CYS A 401 13.62 -1.56 -6.39
N GLY A 402 13.03 -2.35 -5.50
CA GLY A 402 13.62 -2.61 -4.20
C GLY A 402 13.01 -1.88 -3.03
N SER A 403 12.50 -0.68 -3.26
CA SER A 403 11.98 0.12 -2.18
C SER A 403 11.20 1.27 -2.73
N PHE A 404 10.43 1.92 -1.87
CA PHE A 404 9.72 3.12 -2.25
C PHE A 404 10.78 4.18 -2.54
N HIS A 405 11.82 4.19 -1.70
CA HIS A 405 12.91 5.18 -1.82
C HIS A 405 13.58 5.18 -3.18
N THR A 406 13.88 4.01 -3.73
CA THR A 406 14.54 3.92 -5.04
C THR A 406 13.66 4.47 -6.15
N VAL A 407 12.41 4.03 -6.14
CA VAL A 407 11.44 4.46 -7.14
C VAL A 407 11.25 5.98 -7.04
N ALA A 408 11.05 6.46 -5.81
CA ALA A 408 10.83 7.88 -5.60
C ALA A 408 12.02 8.71 -6.06
N HIS A 409 13.23 8.23 -5.81
CA HIS A 409 14.42 8.97 -6.23
C HIS A 409 14.43 9.13 -7.75
N VAL A 410 14.10 8.08 -8.51
CA VAL A 410 14.10 8.16 -9.96
C VAL A 410 12.96 9.01 -10.51
N MET A 411 11.80 8.93 -9.85
CA MET A 411 10.64 9.72 -10.25
C MET A 411 10.99 11.19 -10.13
N GLU A 412 11.69 11.54 -9.07
CA GLU A 412 12.06 12.92 -8.83
C GLU A 412 13.14 13.43 -9.79
N VAL A 413 14.10 12.57 -10.11
CA VAL A 413 15.16 12.91 -11.07
C VAL A 413 14.51 13.17 -12.44
N ILE A 414 13.59 12.29 -12.84
CA ILE A 414 12.92 12.47 -14.13
C ILE A 414 12.12 13.77 -14.17
N ASP A 415 11.33 14.01 -13.12
CA ASP A 415 10.51 15.24 -13.07
C ASP A 415 11.37 16.50 -13.08
N ALA A 416 12.46 16.49 -12.33
CA ALA A 416 13.37 17.64 -12.27
C ALA A 416 13.95 17.93 -13.66
N ARG A 417 14.25 16.88 -14.41
CA ARG A 417 14.83 17.06 -15.73
C ARG A 417 13.90 17.62 -16.78
N ARG A 418 12.61 17.57 -16.49
CA ARG A 418 11.60 18.12 -17.38
C ARG A 418 11.62 19.67 -17.35
N SER A 419 12.23 20.25 -16.32
CA SER A 419 12.36 21.71 -16.17
C SER A 419 13.76 22.21 -16.61
O1 PD8 B . 3.25 3.22 16.32
C2 PD8 B . 2.29 2.61 15.84
N3 PD8 B . 1.17 2.31 16.64
C4 PD8 B . 0.09 1.61 16.17
N5 PD8 B . -0.89 1.41 17.10
N6 PD8 B . -0.03 1.16 14.95
C7 PD8 B . 1.00 1.41 14.10
N8 PD8 B . 0.99 0.97 12.79
C9 PD8 B . 2.02 1.24 11.91
C10 PD8 B . 3.13 1.99 12.34
C11 PD8 B . 4.30 2.35 11.44
N12 PD8 B . 3.91 2.88 10.13
C13 PD8 B . 3.99 1.99 9.01
C14 PD8 B . 3.47 2.33 7.73
C15 PD8 B . 3.57 1.42 6.68
C16 PD8 B . 4.20 0.17 6.85
C17 PD8 B . 4.24 -0.74 5.68
O19 PD8 B . 4.89 -1.77 5.69
C20 PD8 B . 4.72 -0.21 8.12
C21 PD8 B . 4.62 0.70 9.17
N22 PD8 B . 3.16 2.39 13.60
C23 PD8 B . 2.15 2.12 14.46
P23 PD8 B . 3.14 -1.20 3.34
O24 PD8 B . 3.12 -2.68 3.69
O25 PD8 B . 4.21 -0.93 2.33
O26 PD8 B . 1.72 -0.75 2.76
O27 PD8 B . 3.41 -0.28 4.64
MG MG C . 3.96 -3.79 5.21
MG MG D . 0.82 0.45 1.47
S SO4 E . -1.06 1.08 23.95
O1 SO4 E . -1.60 2.35 23.62
O2 SO4 E . -1.91 -0.08 23.84
O3 SO4 E . -0.52 1.12 25.41
O4 SO4 E . 0.15 0.77 23.15
PB ADP F . 0.93 -2.47 -0.13
O1B ADP F . 2.42 -2.41 -0.14
O2B ADP F . 0.23 -1.19 0.27
O3B ADP F . 0.44 -3.61 0.73
PA ADP F . 0.46 -2.00 -2.91
O1A ADP F . -0.76 -2.36 -3.68
O2A ADP F . 0.76 -0.55 -2.68
O3A ADP F . 0.30 -2.89 -1.61
O5' ADP F . 1.65 -2.83 -3.54
C5' ADP F . 3.04 -2.54 -3.48
C4' ADP F . 3.87 -3.68 -4.06
O4' ADP F . 3.47 -4.98 -3.57
C3' ADP F . 3.69 -3.81 -5.62
O3' ADP F . 4.45 -2.84 -6.30
C2' ADP F . 4.02 -5.28 -5.91
O2' ADP F . 5.44 -5.36 -5.99
C1' ADP F . 3.49 -5.95 -4.60
N9 ADP F . 2.14 -6.53 -4.64
C8 ADP F . 1.00 -5.79 -4.72
N7 ADP F . -0.07 -6.57 -4.69
C5 ADP F . 0.42 -7.90 -4.58
C6 ADP F . -0.12 -9.17 -4.48
N6 ADP F . -1.50 -9.51 -4.46
N1 ADP F . 0.75 -10.24 -4.37
C2 ADP F . 2.09 -10.16 -4.36
N3 ADP F . 2.63 -8.93 -4.46
C4 ADP F . 1.83 -7.84 -4.56
#